data_5WBZ
#
_entry.id   5WBZ
#
_cell.length_a   83.180
_cell.length_b   86.380
_cell.length_c   137.620
_cell.angle_alpha   90.000
_cell.angle_beta   90.000
_cell.angle_gamma   90.000
#
_symmetry.space_group_name_H-M   'P 21 21 21'
#
loop_
_entity.id
_entity.type
_entity.pdbx_description
1 polymer Ketohexokinase
2 non-polymer 6-[(3S,4S)-3,4-dihydroxypyrrolidin-1-yl]-2-[(3S)-3-hydroxy-3-methylpyrrolidin-1-yl]-4-(trifluoromethyl)pyridine-3-carbonitrile
3 non-polymer 'SULFATE ION'
4 non-polymer 'CITRIC ACID'
5 water water
#
_entity_poly.entity_id   1
_entity_poly.type   'polypeptide(L)'
_entity_poly.pdbx_seq_one_letter_code
;MGSSHHHHHHSSGLVPRGSQILCVGLVVLDVISLVDKYPKEDSEIRCLSQRWQRGGNASNSCTVLSLLGAPCAFMGSMAP
GHVADFLVADFRRRGVDVSQVAWQSKGDTPSSCCIINNSNGNRTIVLHDTSLPDVSATDFEKVDLTQFKWIHIEGRNASE
QVKMLQRIDAHNTRQPPEQKIRVSVEVEKPREELFQLFGYGDVVFVSKDVAKHLGFQSAEEALRGLYGRVRKGAVLVCAW
AEEGADALGPDGKLLHSDAFPPPRVVDTLGAGDTFNASVIFSLSQGRSVQEALRFGCQVAGKKCGLQGFDGIV
;
_entity_poly.pdbx_strand_id   A,B
#
# COMPACT_ATOMS: atom_id res chain seq x y z
N GLY A 18 13.11 -24.60 -28.31
CA GLY A 18 12.82 -25.12 -26.97
C GLY A 18 13.91 -24.80 -25.97
N SER A 19 14.14 -23.50 -25.72
CA SER A 19 15.18 -23.01 -24.81
C SER A 19 14.64 -22.17 -23.62
N GLN A 20 13.36 -21.74 -23.69
CA GLN A 20 12.72 -20.89 -22.69
C GLN A 20 11.62 -21.60 -21.91
N ILE A 21 11.42 -21.19 -20.63
CA ILE A 21 10.32 -21.67 -19.80
C ILE A 21 9.30 -20.54 -19.78
N LEU A 22 8.03 -20.84 -20.08
CA LEU A 22 6.99 -19.85 -20.06
C LEU A 22 6.10 -20.02 -18.82
N CYS A 23 5.84 -18.93 -18.09
CA CYS A 23 4.88 -18.97 -16.96
C CYS A 23 3.68 -18.13 -17.29
N VAL A 24 2.53 -18.79 -17.32
CA VAL A 24 1.23 -18.22 -17.63
C VAL A 24 0.48 -18.05 -16.31
N GLY A 25 0.21 -16.80 -15.93
CA GLY A 25 -0.52 -16.47 -14.70
C GLY A 25 -0.67 -14.98 -14.45
N LEU A 26 -0.69 -14.58 -13.16
CA LEU A 26 -0.88 -13.18 -12.75
C LEU A 26 0.40 -12.48 -12.46
N VAL A 27 0.36 -11.16 -12.61
CA VAL A 27 1.36 -10.19 -12.21
C VAL A 27 0.53 -9.17 -11.41
N VAL A 28 0.89 -8.93 -10.15
CA VAL A 28 0.15 -8.10 -9.19
C VAL A 28 1.19 -7.23 -8.49
N LEU A 29 0.86 -5.96 -8.17
CA LEU A 29 1.79 -5.13 -7.43
C LEU A 29 1.59 -5.46 -5.94
N ASP A 30 2.64 -5.94 -5.27
CA ASP A 30 2.60 -6.24 -3.84
C ASP A 30 3.11 -5.05 -3.09
N VAL A 31 2.22 -4.39 -2.36
CA VAL A 31 2.53 -3.23 -1.53
C VAL A 31 2.76 -3.84 -0.14
N ILE A 32 4.02 -3.93 0.23
CA ILE A 32 4.44 -4.64 1.45
C ILE A 32 4.73 -3.73 2.64
N SER A 33 4.28 -4.18 3.83
CA SER A 33 4.53 -3.59 5.14
C SER A 33 5.16 -4.70 5.97
N LEU A 34 6.32 -4.43 6.56
CA LEU A 34 6.98 -5.42 7.38
C LEU A 34 6.79 -5.02 8.85
N VAL A 35 6.08 -5.86 9.60
CA VAL A 35 5.69 -5.60 10.99
C VAL A 35 6.37 -6.56 11.98
N ASP A 36 6.63 -6.12 13.24
CA ASP A 36 7.23 -7.03 14.22
C ASP A 36 6.20 -7.96 14.83
N LYS A 37 4.91 -7.60 14.80
CA LYS A 37 3.81 -8.48 15.22
C LYS A 37 2.56 -8.25 14.37
N TYR A 38 1.74 -9.30 14.19
CA TYR A 38 0.52 -9.21 13.40
C TYR A 38 -0.49 -8.30 14.12
N PRO A 39 -1.02 -7.23 13.46
CA PRO A 39 -1.93 -6.32 14.17
C PRO A 39 -3.24 -6.97 14.61
N LYS A 40 -3.63 -6.69 15.87
CA LYS A 40 -4.90 -7.14 16.43
C LYS A 40 -5.98 -6.29 15.72
N GLU A 41 -7.21 -6.83 15.51
CA GLU A 41 -8.26 -6.05 14.87
C GLU A 41 -8.56 -4.77 15.67
N ASP A 42 -8.89 -3.67 14.96
CA ASP A 42 -9.22 -2.35 15.53
C ASP A 42 -8.02 -1.70 16.27
N SER A 43 -6.78 -2.15 15.95
CA SER A 43 -5.54 -1.60 16.54
C SER A 43 -4.78 -0.74 15.54
N GLU A 44 -3.76 -0.02 16.02
CA GLU A 44 -2.92 0.86 15.24
C GLU A 44 -1.45 0.57 15.60
N ILE A 45 -0.70 0.00 14.64
CA ILE A 45 0.73 -0.32 14.78
C ILE A 45 1.56 0.34 13.66
N ARG A 46 2.78 0.75 13.96
CA ARG A 46 3.69 1.33 12.97
C ARG A 46 4.53 0.20 12.36
N CYS A 47 4.74 0.21 11.05
CA CYS A 47 5.54 -0.84 10.43
C CYS A 47 7.04 -0.53 10.50
N LEU A 48 7.87 -1.58 10.46
CA LEU A 48 9.32 -1.48 10.53
C LEU A 48 9.91 -0.88 9.25
N SER A 49 9.36 -1.28 8.09
CA SER A 49 9.78 -0.89 6.74
C SER A 49 8.66 -1.22 5.76
N GLN A 50 8.71 -0.59 4.58
CA GLN A 50 7.74 -0.68 3.50
C GLN A 50 8.54 -0.95 2.23
N ARG A 51 7.93 -1.59 1.23
CA ARG A 51 8.53 -1.78 -0.10
C ARG A 51 7.47 -2.20 -1.10
N TRP A 52 7.75 -1.97 -2.37
CA TRP A 52 6.88 -2.44 -3.45
C TRP A 52 7.59 -3.62 -4.02
N GLN A 53 6.85 -4.63 -4.42
CA GLN A 53 7.42 -5.80 -5.04
C GLN A 53 6.52 -6.28 -6.14
N ARG A 54 7.11 -6.68 -7.27
CA ARG A 54 6.36 -7.33 -8.33
C ARG A 54 5.97 -8.74 -7.80
N GLY A 55 4.69 -9.01 -7.81
CA GLY A 55 4.09 -10.25 -7.32
C GLY A 55 3.31 -10.96 -8.38
N GLY A 56 2.39 -11.82 -7.95
CA GLY A 56 1.64 -12.70 -8.82
C GLY A 56 2.45 -13.99 -8.84
N ASN A 57 1.79 -15.14 -8.67
CA ASN A 57 2.46 -16.44 -8.60
C ASN A 57 3.34 -16.78 -9.80
N ALA A 58 2.79 -16.67 -11.03
CA ALA A 58 3.56 -16.98 -12.24
C ALA A 58 4.66 -15.95 -12.45
N SER A 59 4.42 -14.71 -12.02
CA SER A 59 5.39 -13.63 -12.08
C SER A 59 6.57 -13.90 -11.12
N ASN A 60 6.28 -14.30 -9.86
CA ASN A 60 7.32 -14.65 -8.86
C ASN A 60 8.16 -15.83 -9.31
N SER A 61 7.54 -16.85 -9.95
CA SER A 61 8.24 -18.03 -10.49
C SER A 61 9.25 -17.64 -11.60
N CYS A 62 8.93 -16.58 -12.40
CA CYS A 62 9.82 -16.03 -13.44
C CYS A 62 11.04 -15.37 -12.82
N THR A 63 10.85 -14.67 -11.68
CA THR A 63 11.94 -14.01 -10.94
C THR A 63 12.95 -15.07 -10.52
N VAL A 64 12.43 -16.16 -9.93
CA VAL A 64 13.21 -17.28 -9.42
C VAL A 64 13.94 -17.96 -10.58
N LEU A 65 13.21 -18.30 -11.69
CA LEU A 65 13.78 -18.94 -12.90
C LEU A 65 14.92 -18.15 -13.49
N SER A 66 14.77 -16.82 -13.56
CA SER A 66 15.78 -15.87 -14.00
C SER A 66 17.00 -15.86 -13.08
N LEU A 67 16.81 -15.88 -11.74
CA LEU A 67 17.92 -15.90 -10.79
C LEU A 67 18.67 -17.27 -10.85
N LEU A 68 17.94 -18.34 -11.26
CA LEU A 68 18.52 -19.68 -11.41
C LEU A 68 19.31 -19.81 -12.72
N GLY A 69 19.23 -18.79 -13.57
CA GLY A 69 19.93 -18.73 -14.84
C GLY A 69 19.12 -19.23 -16.02
N ALA A 70 17.83 -19.57 -15.82
CA ALA A 70 16.97 -20.06 -16.88
C ALA A 70 16.25 -18.96 -17.67
N PRO A 71 16.52 -18.85 -19.02
CA PRO A 71 15.77 -17.86 -19.82
C PRO A 71 14.30 -18.27 -19.74
N CYS A 72 13.45 -17.30 -19.43
CA CYS A 72 12.03 -17.52 -19.20
C CYS A 72 11.22 -16.39 -19.75
N ALA A 73 9.91 -16.61 -19.85
CA ALA A 73 8.99 -15.63 -20.36
C ALA A 73 7.74 -15.64 -19.51
N PHE A 74 7.12 -14.47 -19.38
CA PHE A 74 5.87 -14.37 -18.65
C PHE A 74 4.75 -14.01 -19.62
N MET A 75 3.59 -14.64 -19.43
CA MET A 75 2.38 -14.33 -20.15
C MET A 75 1.26 -14.11 -19.15
N GLY A 76 0.69 -12.93 -19.19
CA GLY A 76 -0.42 -12.54 -18.34
C GLY A 76 -0.99 -11.20 -18.76
N SER A 77 -2.19 -10.89 -18.26
CA SER A 77 -2.85 -9.60 -18.53
C SER A 77 -2.23 -8.43 -17.76
N MET A 78 -2.06 -7.31 -18.46
CA MET A 78 -1.56 -6.05 -17.89
C MET A 78 -2.34 -4.87 -18.51
N ALA A 79 -2.60 -3.84 -17.71
CA ALA A 79 -3.31 -2.64 -18.16
C ALA A 79 -2.32 -1.50 -18.15
N PRO A 80 -2.18 -0.75 -19.26
CA PRO A 80 -1.20 0.35 -19.28
C PRO A 80 -1.46 1.42 -18.22
N GLY A 81 -0.38 1.87 -17.60
CA GLY A 81 -0.38 2.85 -16.52
C GLY A 81 0.95 2.88 -15.79
N HIS A 82 1.07 3.75 -14.77
CA HIS A 82 2.31 3.94 -14.00
C HIS A 82 2.75 2.70 -13.22
N VAL A 83 1.77 1.90 -12.76
CA VAL A 83 2.00 0.65 -12.02
C VAL A 83 2.57 -0.41 -12.98
N ALA A 84 1.92 -0.64 -14.15
CA ALA A 84 2.43 -1.57 -15.15
C ALA A 84 3.85 -1.15 -15.58
N ASP A 85 4.13 0.15 -15.65
CA ASP A 85 5.47 0.64 -15.95
C ASP A 85 6.49 0.19 -14.88
N PHE A 86 6.04 0.11 -13.59
CA PHE A 86 6.90 -0.37 -12.49
C PHE A 86 7.18 -1.87 -12.70
N LEU A 87 6.12 -2.64 -12.95
CA LEU A 87 6.11 -4.08 -13.16
C LEU A 87 6.97 -4.50 -14.33
N VAL A 88 6.81 -3.81 -15.47
CA VAL A 88 7.55 -4.03 -16.72
C VAL A 88 9.06 -3.72 -16.51
N ALA A 89 9.38 -2.60 -15.85
CA ALA A 89 10.78 -2.27 -15.57
C ALA A 89 11.43 -3.34 -14.67
N ASP A 90 10.67 -3.91 -13.73
CA ASP A 90 11.17 -4.95 -12.82
C ASP A 90 11.43 -6.26 -13.62
N PHE A 91 10.46 -6.70 -14.42
CA PHE A 91 10.57 -7.84 -15.33
C PHE A 91 11.83 -7.77 -16.21
N ARG A 92 12.10 -6.60 -16.81
CA ARG A 92 13.26 -6.35 -17.67
C ARG A 92 14.57 -6.34 -16.94
N ARG A 93 14.60 -5.77 -15.73
CA ARG A 93 15.80 -5.73 -14.87
C ARG A 93 16.21 -7.19 -14.49
N ARG A 94 15.24 -8.13 -14.56
CA ARG A 94 15.46 -9.54 -14.25
C ARG A 94 15.71 -10.40 -15.49
N GLY A 95 15.49 -9.82 -16.66
CA GLY A 95 15.66 -10.52 -17.93
C GLY A 95 14.45 -11.33 -18.33
N VAL A 96 13.29 -11.05 -17.72
CA VAL A 96 12.06 -11.77 -18.07
C VAL A 96 11.51 -11.17 -19.39
N ASP A 97 11.24 -12.05 -20.36
CA ASP A 97 10.67 -11.72 -21.66
C ASP A 97 9.20 -11.43 -21.44
N VAL A 98 8.76 -10.22 -21.81
CA VAL A 98 7.38 -9.76 -21.64
C VAL A 98 6.63 -9.65 -22.96
N SER A 99 7.27 -10.07 -24.08
CA SER A 99 6.69 -10.01 -25.44
C SER A 99 5.34 -10.71 -25.58
N GLN A 100 5.05 -11.66 -24.68
CA GLN A 100 3.83 -12.46 -24.69
C GLN A 100 2.67 -11.87 -23.86
N VAL A 101 2.92 -10.72 -23.18
CA VAL A 101 1.92 -10.06 -22.34
C VAL A 101 0.65 -9.65 -23.11
N ALA A 102 -0.53 -9.98 -22.53
CA ALA A 102 -1.83 -9.64 -23.08
C ALA A 102 -2.28 -8.27 -22.56
N TRP A 103 -1.80 -7.16 -23.19
CA TRP A 103 -2.15 -5.78 -22.83
C TRP A 103 -3.63 -5.48 -23.04
N GLN A 104 -4.30 -4.97 -21.99
CA GLN A 104 -5.75 -4.70 -22.01
C GLN A 104 -6.08 -3.22 -22.12
N SER A 105 -7.21 -2.90 -22.81
CA SER A 105 -7.68 -1.52 -22.99
C SER A 105 -8.52 -1.11 -21.79
N LYS A 106 -9.28 -2.08 -21.22
CA LYS A 106 -10.15 -1.93 -20.04
C LYS A 106 -9.56 -2.64 -18.80
N GLY A 107 -9.83 -2.06 -17.62
CA GLY A 107 -9.39 -2.59 -16.33
C GLY A 107 -8.17 -1.91 -15.75
N ASP A 108 -8.02 -2.02 -14.40
CA ASP A 108 -6.86 -1.48 -13.68
C ASP A 108 -5.91 -2.62 -13.37
N THR A 109 -4.65 -2.31 -13.06
CA THR A 109 -3.67 -3.34 -12.69
C THR A 109 -3.97 -3.80 -11.25
N PRO A 110 -4.04 -5.14 -10.97
CA PRO A 110 -4.33 -5.57 -9.59
C PRO A 110 -3.19 -5.23 -8.64
N SER A 111 -3.53 -5.04 -7.38
CA SER A 111 -2.57 -4.73 -6.35
C SER A 111 -3.04 -5.41 -5.09
N SER A 112 -2.12 -5.61 -4.15
CA SER A 112 -2.46 -6.22 -2.88
C SER A 112 -1.64 -5.62 -1.78
N CYS A 113 -2.22 -5.56 -0.59
CA CYS A 113 -1.53 -5.10 0.60
C CYS A 113 -1.02 -6.36 1.30
N CYS A 114 0.29 -6.41 1.50
CA CYS A 114 0.91 -7.57 2.12
C CYS A 114 1.53 -7.20 3.43
N ILE A 115 1.07 -7.88 4.49
CA ILE A 115 1.62 -7.70 5.82
C ILE A 115 2.54 -8.89 6.08
N ILE A 116 3.83 -8.62 6.26
CA ILE A 116 4.83 -9.64 6.56
C ILE A 116 5.23 -9.49 8.01
N ASN A 117 5.07 -10.56 8.78
CA ASN A 117 5.43 -10.60 10.18
C ASN A 117 6.89 -11.00 10.23
N ASN A 118 7.75 -10.09 10.68
CA ASN A 118 9.19 -10.26 10.74
C ASN A 118 9.68 -11.26 11.80
N SER A 119 8.83 -11.63 12.76
CA SER A 119 9.19 -12.55 13.81
C SER A 119 8.99 -14.03 13.43
N ASN A 120 8.20 -14.32 12.38
CA ASN A 120 7.96 -15.72 11.96
C ASN A 120 7.83 -15.91 10.42
N GLY A 121 7.85 -14.80 9.69
CA GLY A 121 7.71 -14.81 8.24
C GLY A 121 6.33 -14.99 7.69
N ASN A 122 5.29 -15.05 8.56
CA ASN A 122 3.91 -15.21 8.09
C ASN A 122 3.56 -13.99 7.23
N ARG A 123 2.97 -14.25 6.08
CA ARG A 123 2.57 -13.22 5.17
C ARG A 123 1.07 -13.30 5.02
N THR A 124 0.42 -12.12 5.05
CA THR A 124 -1.02 -12.00 4.93
C THR A 124 -1.28 -11.11 3.73
N ILE A 125 -2.08 -11.58 2.76
CA ILE A 125 -2.36 -10.85 1.53
C ILE A 125 -3.83 -10.43 1.43
N VAL A 126 -4.07 -9.14 1.16
CA VAL A 126 -5.39 -8.55 0.94
C VAL A 126 -5.34 -8.08 -0.51
N LEU A 127 -5.81 -8.95 -1.41
CA LEU A 127 -5.77 -8.72 -2.84
C LEU A 127 -6.96 -7.90 -3.38
N HIS A 128 -6.63 -6.96 -4.27
CA HIS A 128 -7.60 -6.17 -5.00
C HIS A 128 -7.63 -6.67 -6.45
N ASP A 129 -8.59 -7.56 -6.76
CA ASP A 129 -8.79 -8.08 -8.13
C ASP A 129 -9.61 -7.03 -8.88
N THR A 130 -9.06 -6.55 -10.00
CA THR A 130 -9.56 -5.41 -10.75
C THR A 130 -10.39 -5.64 -12.03
N SER A 131 -11.11 -6.78 -12.15
CA SER A 131 -11.92 -7.06 -13.33
C SER A 131 -11.11 -7.15 -14.66
N LEU A 132 -9.75 -6.97 -14.59
CA LEU A 132 -8.81 -7.08 -15.72
C LEU A 132 -9.15 -8.42 -16.38
N PRO A 133 -9.47 -8.47 -17.69
CA PRO A 133 -9.84 -9.76 -18.29
C PRO A 133 -8.65 -10.69 -18.35
N ASP A 134 -8.86 -11.95 -18.01
CA ASP A 134 -7.82 -12.99 -18.01
C ASP A 134 -7.29 -13.32 -19.41
N VAL A 135 -6.10 -13.97 -19.44
CA VAL A 135 -5.49 -14.48 -20.66
C VAL A 135 -6.45 -15.57 -21.19
N SER A 136 -6.80 -15.53 -22.49
CA SER A 136 -7.75 -16.49 -23.08
C SER A 136 -7.06 -17.47 -24.03
N ALA A 137 -7.79 -18.55 -24.42
CA ALA A 137 -7.29 -19.53 -25.39
C ALA A 137 -6.92 -18.87 -26.73
N THR A 138 -7.59 -17.73 -27.06
CA THR A 138 -7.38 -16.90 -28.25
C THR A 138 -6.02 -16.17 -28.15
N ASP A 139 -5.72 -15.63 -26.94
CA ASP A 139 -4.46 -14.96 -26.64
C ASP A 139 -3.36 -16.02 -26.78
N PHE A 140 -3.60 -17.21 -26.17
CA PHE A 140 -2.70 -18.36 -26.20
C PHE A 140 -2.43 -18.88 -27.61
N GLU A 141 -3.48 -18.93 -28.47
CA GLU A 141 -3.39 -19.37 -29.87
C GLU A 141 -2.34 -18.59 -30.70
N LYS A 142 -2.10 -17.32 -30.35
CA LYS A 142 -1.12 -16.42 -30.99
C LYS A 142 0.34 -16.72 -30.62
N VAL A 143 0.57 -17.54 -29.60
CA VAL A 143 1.91 -17.83 -29.08
C VAL A 143 2.65 -18.88 -29.91
N ASP A 144 3.92 -18.57 -30.30
CA ASP A 144 4.81 -19.47 -31.03
C ASP A 144 5.38 -20.45 -30.00
N LEU A 145 4.81 -21.67 -29.98
CA LEU A 145 5.16 -22.74 -29.04
C LEU A 145 6.54 -23.31 -29.19
N THR A 146 7.20 -23.09 -30.35
CA THR A 146 8.53 -23.65 -30.66
C THR A 146 9.69 -23.12 -29.79
N GLN A 147 9.57 -21.89 -29.23
CA GLN A 147 10.63 -21.31 -28.37
C GLN A 147 10.64 -21.87 -26.92
N PHE A 148 9.64 -22.68 -26.56
CA PHE A 148 9.47 -23.19 -25.21
C PHE A 148 9.78 -24.68 -25.01
N LYS A 149 10.66 -24.90 -24.00
CA LYS A 149 11.21 -26.13 -23.39
C LYS A 149 10.15 -26.68 -22.42
N TRP A 150 9.53 -25.75 -21.65
CA TRP A 150 8.56 -25.99 -20.57
C TRP A 150 7.52 -24.86 -20.55
N ILE A 151 6.27 -25.20 -20.21
CA ILE A 151 5.19 -24.23 -20.04
C ILE A 151 4.50 -24.51 -18.69
N HIS A 152 4.53 -23.51 -17.79
CA HIS A 152 3.86 -23.58 -16.48
C HIS A 152 2.60 -22.74 -16.49
N ILE A 153 1.49 -23.32 -16.04
CA ILE A 153 0.21 -22.62 -15.98
C ILE A 153 -0.30 -22.50 -14.55
N GLU A 154 -0.47 -21.24 -14.11
CA GLU A 154 -1.05 -20.90 -12.82
C GLU A 154 -2.57 -20.96 -12.97
N GLY A 155 -3.21 -21.92 -12.30
CA GLY A 155 -4.67 -22.14 -12.29
C GLY A 155 -5.48 -20.92 -11.88
N ARG A 156 -6.22 -20.36 -12.84
CA ARG A 156 -7.03 -19.13 -12.71
C ARG A 156 -8.41 -19.31 -13.41
N ASN A 157 -8.47 -19.15 -14.76
CA ASN A 157 -9.67 -19.34 -15.59
C ASN A 157 -9.59 -20.74 -16.20
N ALA A 158 -9.98 -21.74 -15.39
CA ALA A 158 -9.89 -23.18 -15.65
C ALA A 158 -10.39 -23.66 -17.02
N SER A 159 -11.69 -23.43 -17.35
CA SER A 159 -12.30 -23.83 -18.63
C SER A 159 -11.51 -23.30 -19.85
N GLU A 160 -11.05 -22.04 -19.77
CA GLU A 160 -10.28 -21.32 -20.77
C GLU A 160 -8.80 -21.76 -20.83
N GLN A 161 -8.28 -22.31 -19.70
CA GLN A 161 -6.90 -22.80 -19.57
C GLN A 161 -6.80 -24.22 -20.04
N VAL A 162 -7.89 -25.02 -19.83
CA VAL A 162 -8.03 -26.42 -20.29
C VAL A 162 -7.88 -26.46 -21.82
N LYS A 163 -8.39 -25.42 -22.52
CA LYS A 163 -8.27 -25.24 -23.97
C LYS A 163 -6.81 -24.98 -24.35
N MET A 164 -6.10 -24.12 -23.57
CA MET A 164 -4.69 -23.78 -23.74
C MET A 164 -3.84 -25.06 -23.60
N LEU A 165 -4.22 -25.93 -22.65
CA LEU A 165 -3.55 -27.19 -22.34
C LEU A 165 -3.77 -28.25 -23.44
N GLN A 166 -5.00 -28.28 -24.03
CA GLN A 166 -5.36 -29.16 -25.14
C GLN A 166 -4.54 -28.80 -26.39
N ARG A 167 -4.26 -27.49 -26.58
CA ARG A 167 -3.44 -26.96 -27.67
C ARG A 167 -1.99 -27.43 -27.59
N ILE A 168 -1.40 -27.49 -26.37
CA ILE A 168 -0.01 -27.93 -26.16
C ILE A 168 0.08 -29.46 -26.39
N ASP A 169 -0.96 -30.20 -25.94
CA ASP A 169 -1.05 -31.65 -26.14
C ASP A 169 -1.12 -31.97 -27.64
N ALA A 170 -1.94 -31.19 -28.39
CA ALA A 170 -2.10 -31.29 -29.84
C ALA A 170 -0.78 -31.01 -30.57
N HIS A 171 0.02 -30.05 -30.07
CA HIS A 171 1.33 -29.70 -30.64
C HIS A 171 2.33 -30.85 -30.39
N ASN A 172 2.25 -31.45 -29.19
CA ASN A 172 3.10 -32.54 -28.73
C ASN A 172 2.99 -33.79 -29.61
N THR A 173 1.73 -34.19 -29.94
CA THR A 173 1.43 -35.34 -30.82
C THR A 173 2.16 -35.23 -32.17
N ARG A 174 2.24 -34.01 -32.73
CA ARG A 174 2.91 -33.72 -34.00
C ARG A 174 4.44 -33.47 -33.81
N GLN A 175 5.04 -33.95 -32.70
CA GLN A 175 6.47 -33.72 -32.41
C GLN A 175 7.23 -34.98 -31.96
N PRO A 176 8.55 -35.11 -32.28
CA PRO A 176 9.32 -36.28 -31.79
C PRO A 176 9.47 -36.24 -30.26
N PRO A 177 9.55 -37.40 -29.55
CA PRO A 177 9.64 -37.36 -28.08
C PRO A 177 10.72 -36.44 -27.49
N GLU A 178 11.82 -36.22 -28.23
CA GLU A 178 12.92 -35.35 -27.82
C GLU A 178 12.57 -33.86 -27.90
N GLN A 179 11.62 -33.50 -28.78
CA GLN A 179 11.18 -32.11 -28.98
C GLN A 179 9.83 -31.78 -28.30
N LYS A 180 9.38 -32.64 -27.36
CA LYS A 180 8.13 -32.42 -26.64
C LYS A 180 8.27 -31.30 -25.60
N ILE A 181 7.17 -30.55 -25.41
CA ILE A 181 7.09 -29.46 -24.43
C ILE A 181 6.56 -30.04 -23.12
N ARG A 182 7.37 -29.90 -22.04
CA ARG A 182 6.93 -30.33 -20.71
C ARG A 182 5.94 -29.33 -20.12
N VAL A 183 4.95 -29.81 -19.39
CA VAL A 183 3.88 -28.96 -18.89
C VAL A 183 3.65 -29.10 -17.38
N SER A 184 3.58 -27.95 -16.68
CA SER A 184 3.26 -27.97 -15.26
C SER A 184 2.04 -27.10 -14.95
N VAL A 185 1.28 -27.53 -13.97
CA VAL A 185 0.05 -26.89 -13.54
C VAL A 185 0.10 -26.64 -12.01
N GLU A 186 -0.33 -25.44 -11.55
CA GLU A 186 -0.43 -25.14 -10.13
C GLU A 186 -1.91 -24.91 -9.78
N VAL A 187 -2.43 -25.73 -8.84
CA VAL A 187 -3.78 -25.66 -8.28
C VAL A 187 -3.54 -25.20 -6.82
N GLU A 188 -3.49 -23.86 -6.64
CA GLU A 188 -3.19 -23.20 -5.36
C GLU A 188 -4.45 -22.75 -4.58
N LYS A 189 -5.49 -22.29 -5.29
CA LYS A 189 -6.71 -21.83 -4.63
C LYS A 189 -7.75 -22.95 -4.52
N PRO A 190 -8.40 -23.14 -3.33
CA PRO A 190 -9.38 -24.23 -3.19
C PRO A 190 -10.73 -23.91 -3.82
N ARG A 191 -10.73 -23.79 -5.16
CA ARG A 191 -11.87 -23.45 -6.01
C ARG A 191 -12.14 -24.66 -6.92
N GLU A 192 -13.33 -25.30 -6.80
CA GLU A 192 -13.76 -26.49 -7.55
C GLU A 192 -13.61 -26.39 -9.07
N GLU A 193 -13.69 -25.15 -9.64
CA GLU A 193 -13.52 -24.90 -11.07
C GLU A 193 -12.14 -25.40 -11.53
N LEU A 194 -11.10 -25.17 -10.69
CA LEU A 194 -9.69 -25.48 -10.90
C LEU A 194 -9.30 -26.96 -10.78
N PHE A 195 -10.17 -27.79 -10.21
CA PHE A 195 -9.85 -29.21 -9.97
C PHE A 195 -9.88 -30.05 -11.25
N GLN A 196 -10.30 -29.44 -12.36
CA GLN A 196 -10.32 -30.11 -13.68
C GLN A 196 -8.90 -30.08 -14.29
N LEU A 197 -8.05 -29.17 -13.79
CA LEU A 197 -6.66 -28.98 -14.24
C LEU A 197 -5.69 -30.05 -13.69
N PHE A 198 -6.17 -30.93 -12.78
CA PHE A 198 -5.41 -31.97 -12.06
C PHE A 198 -4.68 -33.08 -12.85
N GLY A 199 -5.13 -33.68 -13.94
CA GLY A 199 -6.12 -33.33 -14.94
C GLY A 199 -5.30 -33.29 -16.22
N TYR A 200 -4.45 -32.27 -16.30
CA TYR A 200 -3.55 -32.00 -17.42
C TYR A 200 -2.14 -31.77 -16.88
N GLY A 201 -1.15 -31.87 -17.76
CA GLY A 201 0.24 -31.65 -17.39
C GLY A 201 1.01 -32.86 -16.89
N ASP A 202 2.32 -32.81 -17.08
CA ASP A 202 3.32 -33.79 -16.67
C ASP A 202 3.58 -33.70 -15.18
N VAL A 203 3.52 -32.46 -14.61
CA VAL A 203 3.76 -32.15 -13.19
C VAL A 203 2.59 -31.29 -12.71
N VAL A 204 1.95 -31.72 -11.62
CA VAL A 204 0.81 -31.02 -11.00
C VAL A 204 1.20 -30.66 -9.57
N PHE A 205 1.16 -29.36 -9.26
CA PHE A 205 1.45 -28.82 -7.94
C PHE A 205 0.14 -28.54 -7.27
N VAL A 206 -0.09 -29.19 -6.13
CA VAL A 206 -1.28 -29.02 -5.30
C VAL A 206 -0.84 -28.34 -3.99
N SER A 207 -1.52 -27.26 -3.61
CA SER A 207 -1.16 -26.54 -2.39
C SER A 207 -1.63 -27.28 -1.15
N LYS A 208 -1.04 -26.94 0.00
CA LYS A 208 -1.38 -27.44 1.32
C LYS A 208 -2.81 -26.96 1.68
N ASP A 209 -3.15 -25.69 1.32
CA ASP A 209 -4.49 -25.10 1.53
C ASP A 209 -5.54 -25.85 0.74
N VAL A 210 -5.26 -26.23 -0.53
CA VAL A 210 -6.18 -27.03 -1.35
C VAL A 210 -6.37 -28.41 -0.68
N ALA A 211 -5.25 -29.13 -0.46
CA ALA A 211 -5.20 -30.44 0.18
C ALA A 211 -5.96 -30.49 1.52
N LYS A 212 -5.76 -29.49 2.40
CA LYS A 212 -6.46 -29.39 3.70
C LYS A 212 -7.98 -29.21 3.49
N HIS A 213 -8.37 -28.30 2.57
CA HIS A 213 -9.77 -28.03 2.20
C HIS A 213 -10.49 -29.26 1.65
N LEU A 214 -9.74 -30.31 1.24
CA LEU A 214 -10.26 -31.57 0.75
C LEU A 214 -10.21 -32.69 1.81
N GLY A 215 -9.87 -32.32 3.05
CA GLY A 215 -9.84 -33.21 4.21
C GLY A 215 -8.52 -33.90 4.57
N PHE A 216 -7.44 -33.61 3.81
CA PHE A 216 -6.13 -34.22 4.04
C PHE A 216 -5.32 -33.50 5.12
N GLN A 217 -4.62 -34.28 5.94
CA GLN A 217 -3.85 -33.78 7.08
C GLN A 217 -2.31 -33.83 6.86
N SER A 218 -1.86 -34.36 5.72
CA SER A 218 -0.43 -34.44 5.38
C SER A 218 -0.28 -34.52 3.89
N ALA A 219 0.95 -34.21 3.40
CA ALA A 219 1.31 -34.25 2.00
C ALA A 219 1.16 -35.64 1.43
N GLU A 220 1.58 -36.70 2.16
CA GLU A 220 1.47 -38.09 1.70
C GLU A 220 0.00 -38.55 1.53
N GLU A 221 -0.87 -38.17 2.46
CA GLU A 221 -2.30 -38.45 2.50
C GLU A 221 -2.96 -37.83 1.26
N ALA A 222 -2.63 -36.55 0.97
CA ALA A 222 -3.10 -35.76 -0.16
C ALA A 222 -2.69 -36.38 -1.48
N LEU A 223 -1.42 -36.78 -1.61
CA LEU A 223 -0.91 -37.40 -2.85
C LEU A 223 -1.60 -38.74 -3.15
N ARG A 224 -1.71 -39.62 -2.14
CA ARG A 224 -2.38 -40.92 -2.27
C ARG A 224 -3.86 -40.74 -2.62
N GLY A 225 -4.49 -39.74 -2.00
CA GLY A 225 -5.90 -39.40 -2.20
C GLY A 225 -6.22 -38.73 -3.53
N LEU A 226 -5.29 -37.89 -4.05
CA LEU A 226 -5.53 -37.14 -5.29
C LEU A 226 -4.86 -37.71 -6.53
N TYR A 227 -3.96 -38.73 -6.39
CA TYR A 227 -3.29 -39.27 -7.57
C TYR A 227 -4.26 -39.79 -8.63
N GLY A 228 -5.42 -40.33 -8.21
CA GLY A 228 -6.45 -40.82 -9.12
C GLY A 228 -6.93 -39.81 -10.16
N ARG A 229 -6.81 -38.50 -9.86
CA ARG A 229 -7.21 -37.39 -10.72
C ARG A 229 -6.20 -36.96 -11.79
N VAL A 230 -4.92 -37.40 -11.69
CA VAL A 230 -3.91 -36.95 -12.65
C VAL A 230 -3.89 -37.80 -13.93
N ARG A 231 -3.35 -37.19 -15.00
CA ARG A 231 -3.14 -37.71 -16.34
C ARG A 231 -2.13 -38.86 -16.25
N LYS A 232 -2.26 -39.87 -17.15
CA LYS A 232 -1.36 -41.03 -17.19
C LYS A 232 0.11 -40.58 -17.29
N GLY A 233 0.93 -41.05 -16.35
CA GLY A 233 2.36 -40.75 -16.28
C GLY A 233 2.79 -39.44 -15.64
N ALA A 234 1.84 -38.72 -14.99
CA ALA A 234 2.12 -37.43 -14.36
C ALA A 234 2.69 -37.56 -12.95
N VAL A 235 3.39 -36.52 -12.49
CA VAL A 235 3.96 -36.43 -11.14
C VAL A 235 3.12 -35.41 -10.36
N LEU A 236 2.54 -35.84 -9.25
CA LEU A 236 1.77 -34.98 -8.36
C LEU A 236 2.72 -34.57 -7.21
N VAL A 237 2.88 -33.25 -6.98
CA VAL A 237 3.75 -32.64 -5.97
C VAL A 237 2.93 -31.82 -4.97
N CYS A 238 3.19 -32.00 -3.66
CA CYS A 238 2.56 -31.25 -2.58
C CYS A 238 3.59 -30.80 -1.52
N ALA A 239 3.85 -29.49 -1.43
CA ALA A 239 4.71 -28.90 -0.41
C ALA A 239 3.85 -28.66 0.86
N TRP A 240 4.46 -28.81 2.03
CA TRP A 240 3.74 -28.68 3.30
C TRP A 240 4.53 -27.88 4.34
N ALA A 241 4.92 -26.64 3.96
CA ALA A 241 5.63 -25.67 4.80
C ALA A 241 6.90 -26.28 5.44
N GLU A 242 6.99 -26.30 6.80
CA GLU A 242 8.14 -26.84 7.52
C GLU A 242 8.22 -28.37 7.49
N GLU A 243 7.19 -29.04 6.97
CA GLU A 243 7.17 -30.50 6.80
C GLU A 243 7.86 -30.93 5.49
N GLY A 244 8.41 -29.96 4.76
CA GLY A 244 9.08 -30.22 3.50
C GLY A 244 8.09 -30.42 2.39
N ALA A 245 8.37 -31.33 1.47
CA ALA A 245 7.50 -31.59 0.34
C ALA A 245 7.57 -33.06 -0.03
N ASP A 246 6.50 -33.55 -0.70
CA ASP A 246 6.34 -34.93 -1.17
C ASP A 246 5.94 -34.93 -2.65
N ALA A 247 6.26 -36.02 -3.35
CA ALA A 247 5.92 -36.20 -4.76
C ALA A 247 5.49 -37.67 -4.99
N LEU A 248 4.64 -37.90 -6.01
CA LEU A 248 4.11 -39.23 -6.32
C LEU A 248 3.99 -39.41 -7.83
N GLY A 249 4.62 -40.44 -8.35
CA GLY A 249 4.65 -40.72 -9.77
C GLY A 249 3.92 -41.97 -10.19
N PRO A 250 4.02 -42.30 -11.51
CA PRO A 250 3.36 -43.52 -12.04
C PRO A 250 3.77 -44.81 -11.35
N ASP A 251 5.04 -44.92 -10.90
CA ASP A 251 5.58 -46.12 -10.24
C ASP A 251 4.99 -46.41 -8.84
N GLY A 252 4.16 -45.50 -8.34
CA GLY A 252 3.51 -45.65 -7.04
C GLY A 252 4.40 -45.43 -5.84
N LYS A 253 5.66 -44.97 -6.05
CA LYS A 253 6.62 -44.73 -4.97
C LYS A 253 6.54 -43.29 -4.45
N LEU A 254 6.22 -43.17 -3.17
CA LEU A 254 6.17 -41.87 -2.52
C LEU A 254 7.58 -41.34 -2.32
N LEU A 255 7.80 -40.10 -2.72
CA LEU A 255 9.07 -39.44 -2.53
C LEU A 255 8.89 -38.33 -1.54
N HIS A 256 9.88 -38.14 -0.65
CA HIS A 256 9.84 -37.08 0.36
C HIS A 256 11.13 -36.26 0.38
N SER A 257 11.04 -34.99 0.83
CA SER A 257 12.18 -34.13 1.06
C SER A 257 11.95 -33.33 2.32
N ASP A 258 12.93 -33.34 3.24
CA ASP A 258 12.81 -32.48 4.40
C ASP A 258 13.01 -31.05 3.90
N ALA A 259 12.40 -30.10 4.61
CA ALA A 259 12.49 -28.68 4.35
C ALA A 259 13.91 -28.25 4.72
N PHE A 260 14.35 -27.07 4.24
CA PHE A 260 15.65 -26.50 4.62
C PHE A 260 15.34 -25.15 5.34
N PRO A 261 14.68 -25.15 6.54
CA PRO A 261 14.35 -23.87 7.18
C PRO A 261 15.56 -23.04 7.57
N PRO A 262 15.49 -21.71 7.37
CA PRO A 262 16.59 -20.85 7.84
C PRO A 262 16.50 -20.78 9.38
N PRO A 263 17.61 -20.54 10.10
CA PRO A 263 17.49 -20.38 11.57
C PRO A 263 16.46 -19.30 11.98
N ARG A 264 16.37 -18.19 11.24
CA ARG A 264 15.39 -17.11 11.43
C ARG A 264 14.50 -16.93 10.19
N VAL A 265 13.26 -17.46 10.22
CA VAL A 265 12.27 -17.33 9.15
C VAL A 265 11.70 -15.89 9.20
N VAL A 266 11.99 -15.04 8.18
CA VAL A 266 11.61 -13.61 8.16
C VAL A 266 10.55 -13.19 7.08
N ASP A 267 10.41 -14.00 5.98
CA ASP A 267 9.53 -13.66 4.86
C ASP A 267 9.17 -14.87 3.99
N THR A 268 7.93 -15.37 4.12
CA THR A 268 7.47 -16.50 3.32
C THR A 268 6.71 -16.09 2.05
N LEU A 269 6.60 -14.76 1.77
CA LEU A 269 5.89 -14.28 0.58
C LEU A 269 6.62 -14.70 -0.70
N GLY A 270 5.97 -15.58 -1.44
CA GLY A 270 6.54 -16.11 -2.68
C GLY A 270 7.40 -17.35 -2.47
N ALA A 271 7.34 -17.98 -1.27
CA ALA A 271 8.11 -19.21 -0.97
C ALA A 271 7.55 -20.37 -1.80
N GLY A 272 6.23 -20.46 -1.92
CA GLY A 272 5.51 -21.42 -2.76
C GLY A 272 5.92 -21.30 -4.21
N ASP A 273 6.01 -20.06 -4.72
CA ASP A 273 6.44 -19.76 -6.08
C ASP A 273 7.92 -20.07 -6.29
N THR A 274 8.74 -19.91 -5.24
CA THR A 274 10.18 -20.22 -5.24
C THR A 274 10.36 -21.74 -5.37
N PHE A 275 9.55 -22.51 -4.61
CA PHE A 275 9.55 -23.95 -4.66
C PHE A 275 9.12 -24.48 -6.06
N ASN A 276 7.97 -24.00 -6.61
CA ASN A 276 7.47 -24.44 -7.92
C ASN A 276 8.48 -24.19 -9.01
N ALA A 277 9.08 -22.99 -9.03
CA ALA A 277 10.06 -22.63 -10.05
C ALA A 277 11.32 -23.49 -9.97
N SER A 278 11.84 -23.74 -8.76
CA SER A 278 13.02 -24.55 -8.48
C SER A 278 12.83 -26.02 -8.89
N VAL A 279 11.62 -26.58 -8.67
CA VAL A 279 11.25 -27.95 -9.06
C VAL A 279 11.23 -28.04 -10.62
N ILE A 280 10.59 -27.04 -11.29
CA ILE A 280 10.47 -26.89 -12.74
C ILE A 280 11.85 -26.80 -13.36
N PHE A 281 12.72 -25.93 -12.81
CA PHE A 281 14.09 -25.75 -13.27
C PHE A 281 14.90 -27.04 -13.18
N SER A 282 14.79 -27.73 -12.05
CA SER A 282 15.54 -28.96 -11.79
C SER A 282 15.13 -30.09 -12.76
N LEU A 283 13.82 -30.31 -12.93
CA LEU A 283 13.26 -31.27 -13.88
C LEU A 283 13.64 -30.92 -15.34
N SER A 284 13.53 -29.64 -15.74
CA SER A 284 13.89 -29.13 -17.07
C SER A 284 15.39 -29.32 -17.36
N GLN A 285 16.22 -29.52 -16.30
CA GLN A 285 17.66 -29.75 -16.41
C GLN A 285 17.98 -31.26 -16.42
N GLY A 286 16.93 -32.10 -16.45
CA GLY A 286 17.06 -33.54 -16.51
C GLY A 286 17.33 -34.26 -15.21
N ARG A 287 17.13 -33.61 -14.05
CA ARG A 287 17.37 -34.23 -12.77
C ARG A 287 16.18 -35.08 -12.33
N SER A 288 16.41 -36.05 -11.45
CA SER A 288 15.32 -36.92 -10.99
C SER A 288 14.28 -36.14 -10.16
N VAL A 289 13.09 -36.75 -9.93
CA VAL A 289 12.02 -36.14 -9.14
C VAL A 289 12.51 -35.97 -7.71
N GLN A 290 13.24 -36.96 -7.18
CA GLN A 290 13.84 -36.87 -5.85
C GLN A 290 14.80 -35.69 -5.74
N GLU A 291 15.64 -35.46 -6.74
CA GLU A 291 16.56 -34.33 -6.71
C GLU A 291 15.85 -32.98 -6.85
N ALA A 292 14.85 -32.90 -7.74
CA ALA A 292 14.05 -31.68 -8.00
C ALA A 292 13.28 -31.22 -6.75
N LEU A 293 12.69 -32.19 -6.01
CA LEU A 293 11.93 -31.99 -4.78
C LEU A 293 12.81 -31.29 -3.75
N ARG A 294 13.98 -31.89 -3.52
CA ARG A 294 15.05 -31.52 -2.62
C ARG A 294 15.58 -30.12 -2.95
N PHE A 295 15.79 -29.81 -4.25
CA PHE A 295 16.25 -28.53 -4.74
C PHE A 295 15.20 -27.43 -4.51
N GLY A 296 13.94 -27.78 -4.74
CA GLY A 296 12.78 -26.92 -4.46
C GLY A 296 12.73 -26.51 -3.00
N CYS A 297 12.87 -27.48 -2.09
CA CYS A 297 12.89 -27.24 -0.64
C CYS A 297 14.07 -26.38 -0.24
N GLN A 298 15.21 -26.59 -0.91
CA GLN A 298 16.46 -25.90 -0.66
C GLN A 298 16.39 -24.42 -0.99
N VAL A 299 15.86 -24.10 -2.17
CA VAL A 299 15.76 -22.72 -2.64
C VAL A 299 14.64 -22.00 -1.90
N ALA A 300 13.46 -22.67 -1.73
CA ALA A 300 12.34 -22.12 -0.97
C ALA A 300 12.73 -21.78 0.49
N GLY A 301 13.57 -22.60 1.13
CA GLY A 301 14.00 -22.41 2.51
C GLY A 301 15.01 -21.29 2.64
N LYS A 302 15.89 -21.17 1.65
CA LYS A 302 16.87 -20.08 1.59
C LYS A 302 16.10 -18.74 1.48
N LYS A 303 15.05 -18.69 0.62
CA LYS A 303 14.17 -17.53 0.41
C LYS A 303 13.53 -17.06 1.74
N CYS A 304 13.02 -17.99 2.57
CA CYS A 304 12.33 -17.70 3.83
C CYS A 304 13.20 -16.95 4.86
N GLY A 305 14.51 -16.98 4.67
CA GLY A 305 15.45 -16.28 5.52
C GLY A 305 15.85 -14.93 4.98
N LEU A 306 15.23 -14.50 3.87
CA LEU A 306 15.57 -13.22 3.24
C LEU A 306 14.31 -12.43 2.93
N GLN A 307 14.44 -11.08 2.83
CA GLN A 307 13.33 -10.23 2.39
C GLN A 307 13.41 -10.20 0.84
N GLY A 308 12.34 -10.63 0.17
CA GLY A 308 12.34 -10.67 -1.29
C GLY A 308 13.03 -11.86 -1.90
N PHE A 309 13.58 -11.69 -3.11
CA PHE A 309 14.18 -12.79 -3.86
C PHE A 309 15.69 -12.69 -4.09
N ASP A 310 16.28 -11.54 -3.88
CA ASP A 310 17.73 -11.40 -4.05
C ASP A 310 18.53 -12.16 -3.02
N GLY A 311 19.52 -12.91 -3.49
CA GLY A 311 20.40 -13.65 -2.59
C GLY A 311 20.08 -15.13 -2.42
N ILE A 312 19.02 -15.63 -3.12
CA ILE A 312 18.60 -17.05 -3.04
C ILE A 312 19.63 -18.01 -3.70
N VAL A 313 20.45 -17.51 -4.65
CA VAL A 313 21.51 -18.26 -5.34
C VAL A 313 22.67 -17.33 -5.71
N GLY B 13 6.73 28.65 -12.08
CA GLY B 13 6.30 29.96 -12.58
C GLY B 13 6.34 31.08 -11.55
N LEU B 14 6.02 32.30 -11.99
CA LEU B 14 5.96 33.50 -11.15
C LEU B 14 4.75 33.48 -10.19
N VAL B 15 5.07 33.53 -8.87
CA VAL B 15 4.06 33.58 -7.82
C VAL B 15 4.02 35.01 -7.30
N PRO B 16 2.88 35.74 -7.38
CA PRO B 16 2.90 37.11 -6.87
C PRO B 16 3.19 37.17 -5.36
N ARG B 17 3.91 38.24 -4.95
CA ARG B 17 4.29 38.49 -3.55
C ARG B 17 3.04 38.48 -2.66
N GLY B 18 3.14 37.85 -1.49
CA GLY B 18 2.10 37.77 -0.47
C GLY B 18 0.76 37.24 -0.93
N SER B 19 0.77 36.21 -1.80
CA SER B 19 -0.45 35.64 -2.38
C SER B 19 -0.82 34.23 -1.88
N GLN B 20 0.14 33.47 -1.37
CA GLN B 20 -0.08 32.08 -0.99
C GLN B 20 -0.20 31.78 0.48
N ILE B 21 -0.91 30.68 0.79
CA ILE B 21 -1.06 30.08 2.12
C ILE B 21 -0.21 28.80 2.07
N LEU B 22 0.78 28.71 2.95
CA LEU B 22 1.68 27.56 3.02
C LEU B 22 1.27 26.68 4.13
N CYS B 23 1.20 25.35 3.88
CA CYS B 23 0.94 24.35 4.91
C CYS B 23 2.14 23.45 4.96
N VAL B 24 2.75 23.35 6.16
CA VAL B 24 3.92 22.54 6.45
C VAL B 24 3.48 21.33 7.25
N GLY B 25 3.82 20.14 6.79
CA GLY B 25 3.47 18.93 7.52
C GLY B 25 3.63 17.65 6.75
N LEU B 26 2.85 16.63 7.13
CA LEU B 26 2.85 15.30 6.55
C LEU B 26 1.99 15.10 5.28
N VAL B 27 2.52 14.28 4.36
CA VAL B 27 1.84 13.74 3.19
C VAL B 27 2.14 12.23 3.24
N VAL B 28 1.10 11.42 3.18
CA VAL B 28 1.15 9.96 3.24
C VAL B 28 0.21 9.37 2.17
N LEU B 29 0.55 8.19 1.64
CA LEU B 29 -0.28 7.45 0.69
C LEU B 29 -1.03 6.45 1.54
N ASP B 30 -2.36 6.59 1.62
CA ASP B 30 -3.16 5.67 2.40
C ASP B 30 -3.80 4.68 1.43
N VAL B 31 -3.61 3.38 1.69
CA VAL B 31 -4.18 2.32 0.88
C VAL B 31 -5.29 1.78 1.77
N ILE B 32 -6.55 1.95 1.33
CA ILE B 32 -7.74 1.60 2.10
C ILE B 32 -8.45 0.44 1.44
N SER B 33 -8.56 -0.68 2.18
CA SER B 33 -9.17 -1.91 1.73
C SER B 33 -10.38 -2.23 2.58
N LEU B 34 -11.52 -2.45 1.90
CA LEU B 34 -12.77 -2.83 2.55
C LEU B 34 -12.87 -4.35 2.48
N VAL B 35 -12.99 -5.02 3.63
CA VAL B 35 -13.04 -6.49 3.69
C VAL B 35 -14.33 -7.01 4.34
N ASP B 36 -14.79 -8.22 3.93
CA ASP B 36 -15.99 -8.90 4.47
C ASP B 36 -15.80 -9.17 5.98
N LYS B 37 -14.61 -9.69 6.33
CA LYS B 37 -14.17 -10.01 7.68
C LYS B 37 -12.67 -9.75 7.78
N TYR B 38 -12.18 -9.45 9.01
CA TYR B 38 -10.77 -9.19 9.27
C TYR B 38 -9.92 -10.40 8.88
N PRO B 39 -8.81 -10.23 8.10
CA PRO B 39 -8.03 -11.41 7.69
C PRO B 39 -7.25 -12.06 8.81
N LYS B 40 -7.27 -13.40 8.85
CA LYS B 40 -6.50 -14.16 9.83
C LYS B 40 -5.06 -14.23 9.32
N GLU B 41 -4.10 -14.14 10.23
CA GLU B 41 -2.69 -14.22 9.88
C GLU B 41 -2.39 -15.46 9.03
N ASP B 42 -1.62 -15.24 7.94
CA ASP B 42 -1.16 -16.22 6.96
C ASP B 42 -2.19 -16.50 5.85
N SER B 43 -3.29 -15.77 5.82
CA SER B 43 -4.28 -15.99 4.75
C SER B 43 -4.11 -15.06 3.53
N GLU B 44 -4.71 -15.49 2.41
CA GLU B 44 -4.76 -14.74 1.15
C GLU B 44 -6.24 -14.48 0.91
N ILE B 45 -6.65 -13.21 1.05
CA ILE B 45 -8.06 -12.84 0.88
C ILE B 45 -8.26 -11.79 -0.24
N ARG B 46 -9.52 -11.58 -0.61
CA ARG B 46 -9.93 -10.64 -1.62
C ARG B 46 -10.78 -9.56 -0.96
N CYS B 47 -10.36 -8.30 -1.14
CA CYS B 47 -11.13 -7.18 -0.58
C CYS B 47 -12.34 -6.91 -1.47
N LEU B 48 -13.36 -6.26 -0.91
CA LEU B 48 -14.56 -5.84 -1.63
C LEU B 48 -14.20 -4.65 -2.50
N SER B 49 -13.38 -3.72 -1.96
CA SER B 49 -12.87 -2.55 -2.68
C SER B 49 -11.54 -2.05 -2.08
N GLN B 50 -10.76 -1.36 -2.89
CA GLN B 50 -9.48 -0.79 -2.48
C GLN B 50 -9.34 0.61 -3.10
N ARG B 51 -8.86 1.57 -2.30
CA ARG B 51 -8.66 2.95 -2.70
C ARG B 51 -7.28 3.42 -2.27
N TRP B 52 -6.60 4.16 -3.14
CA TRP B 52 -5.30 4.77 -2.86
C TRP B 52 -5.64 6.23 -2.74
N GLN B 53 -5.34 6.81 -1.57
CA GLN B 53 -5.65 8.20 -1.29
C GLN B 53 -4.45 8.95 -0.78
N ARG B 54 -4.38 10.25 -1.07
CA ARG B 54 -3.38 11.12 -0.51
C ARG B 54 -3.96 11.53 0.86
N GLY B 55 -3.16 11.42 1.91
CA GLY B 55 -3.55 11.75 3.28
C GLY B 55 -2.54 12.65 3.93
N GLY B 56 -2.71 12.89 5.23
CA GLY B 56 -1.84 13.80 6.00
C GLY B 56 -2.58 15.07 6.32
N ASN B 57 -2.35 15.68 7.50
CA ASN B 57 -3.07 16.89 7.96
C ASN B 57 -2.86 18.08 7.09
N ALA B 58 -1.58 18.49 6.90
CA ALA B 58 -1.20 19.66 6.10
C ALA B 58 -1.62 19.46 4.65
N SER B 59 -1.48 18.21 4.17
CA SER B 59 -1.84 17.77 2.82
C SER B 59 -3.36 17.91 2.60
N ASN B 60 -4.19 17.45 3.56
CA ASN B 60 -5.65 17.56 3.50
C ASN B 60 -6.07 19.04 3.50
N SER B 61 -5.47 19.86 4.36
CA SER B 61 -5.77 21.31 4.44
C SER B 61 -5.47 22.01 3.14
N CYS B 62 -4.39 21.61 2.46
CA CYS B 62 -4.02 22.13 1.15
C CYS B 62 -5.11 21.92 0.13
N THR B 63 -5.67 20.70 0.07
CA THR B 63 -6.79 20.38 -0.84
C THR B 63 -7.96 21.33 -0.58
N VAL B 64 -8.35 21.47 0.68
CA VAL B 64 -9.47 22.30 1.14
C VAL B 64 -9.25 23.79 0.75
N LEU B 65 -8.05 24.35 0.97
CA LEU B 65 -7.70 25.71 0.56
C LEU B 65 -7.84 25.91 -0.95
N SER B 66 -7.40 24.93 -1.75
CA SER B 66 -7.55 25.01 -3.21
C SER B 66 -8.99 25.08 -3.62
N LEU B 67 -9.82 24.21 -3.06
CA LEU B 67 -11.27 24.16 -3.30
C LEU B 67 -11.97 25.43 -2.81
N LEU B 68 -11.44 26.05 -1.75
CA LEU B 68 -11.96 27.32 -1.23
C LEU B 68 -11.63 28.54 -2.15
N GLY B 69 -10.66 28.39 -3.05
CA GLY B 69 -10.25 29.44 -3.98
C GLY B 69 -8.97 30.17 -3.58
N ALA B 70 -8.16 29.54 -2.71
CA ALA B 70 -6.89 30.14 -2.30
C ALA B 70 -5.67 29.58 -3.03
N PRO B 71 -4.72 30.42 -3.54
CA PRO B 71 -3.43 29.86 -4.03
C PRO B 71 -2.76 29.25 -2.80
N CYS B 72 -2.35 28.01 -2.92
CA CYS B 72 -1.80 27.34 -1.76
C CYS B 72 -0.68 26.43 -2.12
N ALA B 73 0.21 26.26 -1.16
CA ALA B 73 1.43 25.50 -1.34
C ALA B 73 1.63 24.53 -0.20
N PHE B 74 2.23 23.39 -0.50
CA PHE B 74 2.55 22.38 0.51
C PHE B 74 4.06 22.29 0.70
N MET B 75 4.48 22.19 1.96
CA MET B 75 5.85 21.91 2.34
C MET B 75 5.93 20.67 3.19
N GLY B 76 6.59 19.67 2.68
CA GLY B 76 6.73 18.42 3.40
C GLY B 76 7.80 17.59 2.78
N SER B 77 8.13 16.46 3.40
CA SER B 77 9.14 15.55 2.93
C SER B 77 8.63 14.48 2.00
N MET B 78 9.39 14.24 0.92
CA MET B 78 9.12 13.16 -0.01
C MET B 78 10.45 12.61 -0.49
N ALA B 79 10.49 11.31 -0.84
CA ALA B 79 11.66 10.66 -1.44
C ALA B 79 11.24 10.32 -2.87
N PRO B 80 12.13 10.55 -3.86
CA PRO B 80 11.79 10.20 -5.26
C PRO B 80 11.40 8.73 -5.41
N GLY B 81 10.42 8.48 -6.26
CA GLY B 81 9.88 7.14 -6.47
C GLY B 81 8.45 7.15 -6.92
N HIS B 82 7.85 5.97 -7.01
CA HIS B 82 6.49 5.80 -7.52
C HIS B 82 5.37 6.30 -6.58
N VAL B 83 5.59 6.22 -5.24
CA VAL B 83 4.65 6.69 -4.21
C VAL B 83 4.56 8.22 -4.30
N ALA B 84 5.72 8.93 -4.26
CA ALA B 84 5.83 10.39 -4.39
C ALA B 84 5.17 10.90 -5.68
N ASP B 85 5.29 10.14 -6.79
CA ASP B 85 4.70 10.47 -8.09
C ASP B 85 3.17 10.42 -8.02
N PHE B 86 2.61 9.41 -7.34
CA PHE B 86 1.16 9.32 -7.14
C PHE B 86 0.66 10.52 -6.31
N LEU B 87 1.37 10.82 -5.19
CA LEU B 87 1.08 11.92 -4.28
C LEU B 87 1.15 13.29 -4.95
N VAL B 88 2.17 13.51 -5.82
CA VAL B 88 2.37 14.77 -6.57
C VAL B 88 1.25 14.97 -7.60
N ALA B 89 0.91 13.91 -8.33
CA ALA B 89 -0.13 13.98 -9.36
C ALA B 89 -1.46 14.25 -8.68
N ASP B 90 -1.70 13.67 -7.48
CA ASP B 90 -2.90 13.92 -6.67
C ASP B 90 -2.93 15.37 -6.10
N PHE B 91 -1.77 15.90 -5.66
CA PHE B 91 -1.66 17.30 -5.20
C PHE B 91 -2.01 18.22 -6.38
N ARG B 92 -1.42 17.96 -7.54
CA ARG B 92 -1.62 18.72 -8.79
C ARG B 92 -3.06 18.59 -9.28
N ARG B 93 -3.67 17.41 -9.12
CA ARG B 93 -5.09 17.20 -9.44
C ARG B 93 -5.98 18.18 -8.62
N ARG B 94 -5.52 18.50 -7.39
CA ARG B 94 -6.18 19.40 -6.44
C ARG B 94 -5.65 20.84 -6.44
N GLY B 95 -4.94 21.24 -7.50
CA GLY B 95 -4.38 22.58 -7.71
C GLY B 95 -3.34 23.05 -6.70
N VAL B 96 -2.71 22.10 -5.96
CA VAL B 96 -1.69 22.41 -4.95
C VAL B 96 -0.27 22.60 -5.56
N ASP B 97 0.42 23.73 -5.19
CA ASP B 97 1.77 24.06 -5.62
C ASP B 97 2.74 23.21 -4.78
N VAL B 98 3.55 22.37 -5.46
CA VAL B 98 4.45 21.36 -4.87
C VAL B 98 5.99 21.75 -4.94
N SER B 99 6.30 22.99 -5.36
CA SER B 99 7.66 23.53 -5.50
C SER B 99 8.50 23.59 -4.20
N GLN B 100 7.85 23.59 -3.01
CA GLN B 100 8.56 23.64 -1.71
C GLN B 100 8.77 22.28 -1.09
N VAL B 101 8.40 21.19 -1.77
CA VAL B 101 8.65 19.85 -1.22
C VAL B 101 10.16 19.71 -0.92
N ALA B 102 10.48 19.17 0.26
CA ALA B 102 11.83 18.89 0.71
C ALA B 102 12.12 17.46 0.28
N TRP B 103 12.67 17.31 -0.91
CA TRP B 103 13.06 16.02 -1.46
C TRP B 103 14.25 15.44 -0.69
N GLN B 104 14.18 14.13 -0.40
CA GLN B 104 15.13 13.40 0.43
C GLN B 104 15.81 12.27 -0.29
N SER B 105 17.14 12.18 -0.10
CA SER B 105 18.00 11.14 -0.68
C SER B 105 17.96 9.82 0.11
N LYS B 106 17.51 9.87 1.38
CA LYS B 106 17.37 8.70 2.25
C LYS B 106 15.94 8.59 2.83
N GLY B 107 15.44 7.35 2.93
CA GLY B 107 14.12 7.04 3.48
C GLY B 107 13.03 6.74 2.47
N ASP B 108 11.88 6.24 2.97
CA ASP B 108 10.67 5.87 2.21
C ASP B 108 9.59 6.98 2.31
N THR B 109 8.90 7.32 1.19
CA THR B 109 7.78 8.28 1.21
C THR B 109 6.69 7.59 2.04
N PRO B 110 6.10 8.26 3.07
CA PRO B 110 5.11 7.59 3.92
C PRO B 110 3.93 6.93 3.19
N SER B 111 3.65 5.70 3.59
CA SER B 111 2.54 4.91 3.05
C SER B 111 1.92 4.10 4.17
N SER B 112 0.57 4.10 4.26
CA SER B 112 -0.19 3.37 5.29
C SER B 112 -1.17 2.42 4.71
N CYS B 113 -1.38 1.31 5.42
CA CYS B 113 -2.33 0.28 5.04
C CYS B 113 -3.49 0.37 6.05
N CYS B 114 -4.71 0.59 5.54
N CYS B 114 -4.71 0.61 5.54
CA CYS B 114 -5.92 0.62 6.36
CA CYS B 114 -5.94 0.74 6.33
C CYS B 114 -6.85 -0.49 5.92
C CYS B 114 -6.93 -0.39 5.93
N ILE B 115 -7.32 -1.24 6.89
CA ILE B 115 -8.22 -2.37 6.67
C ILE B 115 -9.53 -2.07 7.37
N ILE B 116 -10.60 -1.91 6.59
CA ILE B 116 -11.92 -1.60 7.14
C ILE B 116 -12.81 -2.82 7.05
N ASN B 117 -13.33 -3.26 8.21
CA ASN B 117 -14.24 -4.41 8.24
C ASN B 117 -15.63 -3.92 7.87
N ASN B 118 -16.21 -4.48 6.80
CA ASN B 118 -17.55 -4.13 6.29
C ASN B 118 -18.66 -4.54 7.28
N SER B 119 -18.45 -5.61 8.08
CA SER B 119 -19.42 -6.08 9.06
C SER B 119 -19.56 -5.16 10.31
N ASN B 120 -18.49 -4.99 11.11
CA ASN B 120 -18.54 -4.17 12.34
C ASN B 120 -18.12 -2.70 12.15
N GLY B 121 -17.49 -2.37 11.01
CA GLY B 121 -17.05 -1.01 10.69
C GLY B 121 -15.69 -0.61 11.20
N ASN B 122 -15.03 -1.47 12.01
CA ASN B 122 -13.71 -1.24 12.61
C ASN B 122 -12.58 -1.03 11.60
N ARG B 123 -11.65 -0.11 11.96
CA ARG B 123 -10.50 0.27 11.17
C ARG B 123 -9.23 -0.22 11.83
N THR B 124 -8.45 -1.03 11.09
CA THR B 124 -7.15 -1.55 11.52
C THR B 124 -6.10 -0.84 10.68
N ILE B 125 -5.14 -0.18 11.32
CA ILE B 125 -4.16 0.62 10.62
C ILE B 125 -2.72 0.17 10.87
N VAL B 126 -1.97 -0.03 9.76
CA VAL B 126 -0.55 -0.31 9.75
C VAL B 126 0.05 1.02 9.28
N LEU B 127 0.58 1.82 10.23
CA LEU B 127 1.12 3.14 9.99
C LEU B 127 2.42 3.09 9.25
N HIS B 128 2.75 4.20 8.56
CA HIS B 128 3.97 4.37 7.78
C HIS B 128 5.21 4.24 8.65
N ASP B 129 6.33 3.83 8.07
CA ASP B 129 7.56 3.69 8.84
C ASP B 129 8.15 5.10 9.19
N THR B 130 9.16 5.11 10.06
CA THR B 130 9.84 6.29 10.61
C THR B 130 11.00 6.81 9.73
N SER B 131 11.42 6.02 8.72
CA SER B 131 12.58 6.23 7.84
C SER B 131 12.79 7.63 7.23
N LEU B 132 11.74 8.29 6.74
CA LEU B 132 11.94 9.58 6.07
C LEU B 132 12.19 10.74 7.04
N PRO B 133 13.23 11.58 6.82
CA PRO B 133 13.44 12.72 7.74
C PRO B 133 12.43 13.83 7.50
N ASP B 134 11.93 14.45 8.59
CA ASP B 134 10.97 15.54 8.59
C ASP B 134 11.63 16.81 8.07
N VAL B 135 10.84 17.82 7.66
CA VAL B 135 11.36 19.12 7.19
C VAL B 135 12.19 19.75 8.33
N SER B 136 13.41 20.22 8.02
CA SER B 136 14.27 20.80 9.04
C SER B 136 14.29 22.30 8.95
N ALA B 137 14.81 22.93 10.03
CA ALA B 137 14.98 24.37 10.14
C ALA B 137 15.92 24.89 9.04
N THR B 138 16.93 24.07 8.65
CA THR B 138 17.87 24.42 7.57
C THR B 138 17.18 24.30 6.21
N ASP B 139 16.28 23.33 6.02
CA ASP B 139 15.49 23.25 4.78
C ASP B 139 14.58 24.50 4.68
N PHE B 140 13.97 24.93 5.81
CA PHE B 140 13.09 26.09 5.88
C PHE B 140 13.81 27.43 5.61
N GLU B 141 15.11 27.52 6.00
CA GLU B 141 15.98 28.71 5.84
C GLU B 141 16.19 29.08 4.38
N LYS B 142 16.24 28.06 3.52
CA LYS B 142 16.44 28.17 2.07
C LYS B 142 15.17 28.68 1.34
N VAL B 143 14.03 28.82 2.05
CA VAL B 143 12.76 29.26 1.46
C VAL B 143 12.60 30.77 1.46
N ASP B 144 12.31 31.36 0.29
CA ASP B 144 12.01 32.76 0.17
C ASP B 144 10.53 32.83 0.60
N LEU B 145 10.28 33.56 1.69
CA LEU B 145 8.97 33.68 2.33
C LEU B 145 8.04 34.72 1.76
N THR B 146 8.55 35.62 0.91
CA THR B 146 7.78 36.76 0.36
C THR B 146 6.50 36.40 -0.41
N GLN B 147 6.44 35.20 -1.02
CA GLN B 147 5.24 34.82 -1.80
C GLN B 147 4.08 34.34 -0.89
N PHE B 148 4.33 34.23 0.43
CA PHE B 148 3.35 33.77 1.41
C PHE B 148 2.71 34.90 2.21
N LYS B 149 1.39 34.82 2.37
CA LYS B 149 0.62 35.77 3.19
C LYS B 149 0.27 35.10 4.54
N TRP B 150 0.36 33.74 4.61
CA TRP B 150 0.01 32.94 5.77
C TRP B 150 0.81 31.65 5.75
N ILE B 151 1.33 31.24 6.91
CA ILE B 151 2.08 29.98 7.04
C ILE B 151 1.44 29.18 8.13
N HIS B 152 0.92 27.97 7.80
CA HIS B 152 0.32 27.04 8.74
C HIS B 152 1.27 25.88 8.99
N ILE B 153 1.59 25.58 10.27
CA ILE B 153 2.49 24.49 10.62
C ILE B 153 1.76 23.38 11.40
N GLU B 154 1.79 22.15 10.87
CA GLU B 154 1.26 20.96 11.55
C GLU B 154 2.36 20.49 12.48
N GLY B 155 2.14 20.54 13.79
CA GLY B 155 3.10 20.14 14.81
C GLY B 155 3.58 18.70 14.72
N ARG B 156 4.89 18.51 14.49
CA ARG B 156 5.51 17.18 14.33
C ARG B 156 6.85 17.15 15.08
N ASN B 157 7.96 17.59 14.43
CA ASN B 157 9.32 17.73 14.98
C ASN B 157 9.45 19.16 15.56
N ALA B 158 8.89 19.36 16.76
CA ALA B 158 8.74 20.65 17.44
C ALA B 158 9.99 21.49 17.63
N SER B 159 11.11 20.91 18.10
CA SER B 159 12.37 21.66 18.30
C SER B 159 12.86 22.33 17.00
N GLU B 160 12.67 21.67 15.83
CA GLU B 160 13.02 22.21 14.51
C GLU B 160 12.00 23.24 14.04
N GLN B 161 10.68 22.95 14.23
CA GLN B 161 9.58 23.84 13.85
C GLN B 161 9.59 25.14 14.64
N VAL B 162 10.07 25.09 15.92
CA VAL B 162 10.21 26.30 16.77
C VAL B 162 11.15 27.34 16.09
N LYS B 163 12.25 26.85 15.52
CA LYS B 163 13.23 27.66 14.78
C LYS B 163 12.65 28.27 13.50
N MET B 164 11.80 27.51 12.75
CA MET B 164 11.09 27.97 11.55
C MET B 164 10.18 29.11 11.96
N LEU B 165 9.45 28.93 13.07
CA LEU B 165 8.55 29.95 13.63
C LEU B 165 9.32 31.21 14.07
N GLN B 166 10.55 31.04 14.64
CA GLN B 166 11.42 32.18 15.00
C GLN B 166 11.88 32.91 13.73
N ARG B 167 12.16 32.15 12.64
CA ARG B 167 12.53 32.77 11.36
C ARG B 167 11.39 33.67 10.80
N ILE B 168 10.12 33.24 10.96
CA ILE B 168 8.97 34.02 10.49
C ILE B 168 8.83 35.29 11.33
N ASP B 169 9.06 35.19 12.65
CA ASP B 169 9.05 36.37 13.56
C ASP B 169 10.09 37.39 13.11
N ALA B 170 11.33 36.94 12.80
CA ALA B 170 12.40 37.81 12.30
C ALA B 170 11.99 38.50 11.01
N HIS B 171 11.46 37.73 10.03
CA HIS B 171 10.95 38.26 8.76
C HIS B 171 9.94 39.39 9.00
N ASN B 172 8.98 39.14 9.90
CA ASN B 172 7.88 40.04 10.23
C ASN B 172 8.32 41.33 10.91
N THR B 173 9.32 41.26 11.82
CA THR B 173 9.89 42.43 12.52
C THR B 173 10.32 43.54 11.54
N ARG B 174 10.82 43.14 10.36
CA ARG B 174 11.31 44.00 9.29
C ARG B 174 10.23 44.47 8.31
N GLN B 175 8.99 43.98 8.42
CA GLN B 175 7.94 44.35 7.46
C GLN B 175 6.94 45.34 7.97
N PRO B 176 6.35 46.18 7.06
CA PRO B 176 5.20 47.01 7.48
C PRO B 176 4.04 46.07 7.86
N PRO B 177 3.04 46.47 8.69
CA PRO B 177 1.98 45.51 9.07
C PRO B 177 1.17 44.88 7.92
N GLU B 178 1.11 45.54 6.74
CA GLU B 178 0.36 45.02 5.58
C GLU B 178 1.13 43.95 4.76
N GLN B 179 2.41 43.71 5.13
CA GLN B 179 3.30 42.75 4.48
C GLN B 179 3.82 41.71 5.48
N LYS B 180 3.15 41.63 6.63
CA LYS B 180 3.45 40.69 7.68
C LYS B 180 2.71 39.38 7.39
N ILE B 181 3.45 38.25 7.48
CA ILE B 181 2.96 36.90 7.28
C ILE B 181 2.24 36.41 8.55
N ARG B 182 0.92 36.09 8.46
CA ARG B 182 0.18 35.54 9.60
C ARG B 182 0.55 34.07 9.78
N VAL B 183 0.51 33.59 11.03
CA VAL B 183 0.98 32.25 11.34
C VAL B 183 -0.04 31.44 12.17
N SER B 184 -0.17 30.14 11.85
CA SER B 184 -1.04 29.22 12.58
C SER B 184 -0.28 27.97 12.86
N VAL B 185 -0.63 27.31 13.95
CA VAL B 185 0.03 26.11 14.46
C VAL B 185 -1.08 25.13 14.86
N GLU B 186 -0.88 23.82 14.58
CA GLU B 186 -1.81 22.77 14.97
C GLU B 186 -1.09 21.77 15.86
N VAL B 187 -1.68 21.50 17.04
CA VAL B 187 -1.19 20.54 18.04
C VAL B 187 -2.31 19.51 18.06
N GLU B 188 -2.13 18.43 17.31
CA GLU B 188 -3.17 17.43 17.13
C GLU B 188 -2.83 16.07 17.78
N LYS B 189 -1.55 15.81 18.01
CA LYS B 189 -1.12 14.56 18.64
C LYS B 189 -0.80 14.79 20.12
N PRO B 190 -1.26 13.90 21.02
CA PRO B 190 -1.02 14.09 22.46
C PRO B 190 0.43 13.73 22.89
N ARG B 191 1.42 14.45 22.33
CA ARG B 191 2.86 14.27 22.57
C ARG B 191 3.38 15.50 23.29
N GLU B 192 4.08 15.32 24.44
CA GLU B 192 4.61 16.41 25.27
C GLU B 192 5.48 17.43 24.51
N GLU B 193 6.35 16.93 23.64
CA GLU B 193 7.25 17.70 22.78
C GLU B 193 6.50 18.81 22.00
N LEU B 194 5.27 18.50 21.54
CA LEU B 194 4.42 19.41 20.76
C LEU B 194 3.88 20.60 21.55
N PHE B 195 3.67 20.44 22.86
CA PHE B 195 3.05 21.43 23.74
C PHE B 195 3.82 22.75 23.80
N GLN B 196 5.11 22.79 23.43
CA GLN B 196 5.88 24.05 23.35
C GLN B 196 5.44 24.93 22.17
N LEU B 197 4.72 24.33 21.18
CA LEU B 197 4.27 25.07 20.01
C LEU B 197 3.09 25.98 20.29
N PHE B 198 2.41 25.84 21.46
CA PHE B 198 1.29 26.70 21.87
C PHE B 198 1.74 28.14 21.95
N GLY B 199 3.01 28.35 22.33
CA GLY B 199 3.64 29.67 22.48
C GLY B 199 4.02 30.40 21.20
N TYR B 200 3.66 29.83 20.03
CA TYR B 200 3.97 30.38 18.72
C TYR B 200 2.73 30.47 17.85
N GLY B 201 2.72 31.41 16.93
CA GLY B 201 1.58 31.60 16.04
C GLY B 201 0.52 32.54 16.55
N ASP B 202 -0.17 33.21 15.60
CA ASP B 202 -1.28 34.13 15.82
C ASP B 202 -2.54 33.32 16.08
N VAL B 203 -2.60 32.08 15.52
CA VAL B 203 -3.69 31.12 15.65
C VAL B 203 -3.11 29.77 16.04
N VAL B 204 -3.66 29.17 17.09
CA VAL B 204 -3.24 27.88 17.62
C VAL B 204 -4.49 27.01 17.64
N PHE B 205 -4.43 25.88 16.92
CA PHE B 205 -5.51 24.90 16.88
C PHE B 205 -5.06 23.76 17.79
N VAL B 206 -5.91 23.38 18.75
CA VAL B 206 -5.65 22.26 19.64
C VAL B 206 -6.77 21.23 19.39
N SER B 207 -6.41 19.94 19.20
CA SER B 207 -7.46 18.95 18.93
C SER B 207 -8.23 18.55 20.21
N LYS B 208 -9.45 18.00 20.02
CA LYS B 208 -10.29 17.44 21.08
C LYS B 208 -9.53 16.29 21.77
N ASP B 209 -8.84 15.44 20.99
CA ASP B 209 -8.02 14.32 21.46
C ASP B 209 -6.89 14.78 22.41
N VAL B 210 -6.17 15.87 22.06
CA VAL B 210 -5.12 16.46 22.90
C VAL B 210 -5.73 17.01 24.16
N ALA B 211 -6.84 17.78 24.05
CA ALA B 211 -7.57 18.36 25.19
C ALA B 211 -8.02 17.27 26.20
N LYS B 212 -8.64 16.20 25.70
CA LYS B 212 -9.09 15.06 26.50
C LYS B 212 -7.90 14.38 27.21
N HIS B 213 -6.76 14.26 26.51
CA HIS B 213 -5.53 13.68 27.07
C HIS B 213 -4.92 14.55 28.15
N LEU B 214 -5.13 15.89 28.07
CA LEU B 214 -4.69 16.84 29.08
C LEU B 214 -5.69 16.96 30.25
N GLY B 215 -6.77 16.18 30.20
CA GLY B 215 -7.80 16.11 31.24
C GLY B 215 -9.00 17.03 31.13
N PHE B 216 -9.14 17.74 30.00
CA PHE B 216 -10.27 18.65 29.79
C PHE B 216 -11.42 17.90 29.19
N GLN B 217 -12.63 18.19 29.69
CA GLN B 217 -13.84 17.48 29.28
C GLN B 217 -14.75 18.25 28.30
N SER B 218 -14.35 19.47 27.91
CA SER B 218 -15.11 20.31 26.96
C SER B 218 -14.17 21.29 26.28
N ALA B 219 -14.63 21.94 25.19
CA ALA B 219 -13.86 22.93 24.47
C ALA B 219 -13.66 24.18 25.33
N GLU B 220 -14.66 24.51 26.19
CA GLU B 220 -14.61 25.65 27.12
C GLU B 220 -13.47 25.43 28.14
N GLU B 221 -13.44 24.26 28.81
CA GLU B 221 -12.44 23.83 29.76
C GLU B 221 -11.02 23.86 29.14
N ALA B 222 -10.87 23.29 27.93
CA ALA B 222 -9.61 23.25 27.18
C ALA B 222 -9.11 24.65 26.88
N LEU B 223 -9.98 25.52 26.33
CA LEU B 223 -9.57 26.88 26.02
C LEU B 223 -9.17 27.71 27.25
N ARG B 224 -9.97 27.63 28.34
CA ARG B 224 -9.69 28.33 29.60
C ARG B 224 -8.41 27.80 30.28
N GLY B 225 -8.26 26.48 30.30
CA GLY B 225 -7.11 25.81 30.90
C GLY B 225 -5.80 25.94 30.16
N LEU B 226 -5.83 26.22 28.83
CA LEU B 226 -4.63 26.31 27.97
C LEU B 226 -4.29 27.70 27.45
N TYR B 227 -5.18 28.69 27.57
CA TYR B 227 -4.91 30.03 27.06
C TYR B 227 -3.62 30.66 27.59
N GLY B 228 -3.25 30.34 28.83
CA GLY B 228 -2.02 30.84 29.43
C GLY B 228 -0.75 30.38 28.73
N ARG B 229 -0.85 29.32 27.89
CA ARG B 229 0.28 28.73 27.17
C ARG B 229 0.64 29.45 25.86
N VAL B 230 -0.26 30.34 25.38
CA VAL B 230 -0.10 31.04 24.10
C VAL B 230 0.58 32.41 24.28
N ARG B 231 1.07 32.98 23.16
CA ARG B 231 1.75 34.27 23.11
C ARG B 231 0.72 35.41 23.12
N LYS B 232 1.11 36.61 23.61
CA LYS B 232 0.19 37.75 23.76
C LYS B 232 -0.45 38.12 22.40
N GLY B 233 -1.78 38.17 22.44
CA GLY B 233 -2.61 38.47 21.27
C GLY B 233 -2.99 37.28 20.40
N ALA B 234 -2.61 36.03 20.78
CA ALA B 234 -2.94 34.84 20.00
C ALA B 234 -4.35 34.33 20.26
N VAL B 235 -4.97 33.70 19.24
CA VAL B 235 -6.30 33.10 19.34
C VAL B 235 -6.11 31.59 19.45
N LEU B 236 -6.73 30.96 20.46
CA LEU B 236 -6.65 29.52 20.69
C LEU B 236 -8.00 28.91 20.26
N VAL B 237 -7.97 27.92 19.33
CA VAL B 237 -9.16 27.30 18.74
C VAL B 237 -9.27 25.81 19.08
N CYS B 238 -10.49 25.36 19.45
CA CYS B 238 -10.78 23.97 19.74
C CYS B 238 -12.14 23.53 19.15
N ALA B 239 -12.09 22.56 18.20
CA ALA B 239 -13.27 21.94 17.58
C ALA B 239 -13.58 20.68 18.41
N TRP B 240 -14.86 20.48 18.77
CA TRP B 240 -15.30 19.36 19.60
C TRP B 240 -16.41 18.54 18.89
N ALA B 241 -16.10 18.02 17.67
CA ALA B 241 -16.96 17.19 16.82
C ALA B 241 -18.39 17.75 16.69
N GLU B 242 -19.45 17.02 17.16
CA GLU B 242 -20.84 17.49 17.09
C GLU B 242 -21.19 18.61 18.04
N GLU B 243 -20.29 18.94 18.99
CA GLU B 243 -20.49 20.07 19.91
C GLU B 243 -20.04 21.41 19.30
N GLY B 244 -19.55 21.38 18.06
CA GLY B 244 -19.10 22.55 17.32
C GLY B 244 -17.70 22.99 17.68
N ALA B 245 -17.47 24.29 17.71
CA ALA B 245 -16.12 24.78 17.99
C ALA B 245 -16.13 26.07 18.76
N ASP B 246 -15.07 26.28 19.54
CA ASP B 246 -14.83 27.48 20.34
C ASP B 246 -13.51 28.15 19.96
N ALA B 247 -13.43 29.46 20.20
CA ALA B 247 -12.20 30.22 20.02
C ALA B 247 -12.08 31.18 21.22
N LEU B 248 -10.86 31.49 21.62
CA LEU B 248 -10.59 32.41 22.73
C LEU B 248 -9.41 33.30 22.39
N GLY B 249 -9.67 34.61 22.39
CA GLY B 249 -8.68 35.64 22.09
C GLY B 249 -8.18 36.42 23.29
N PRO B 250 -7.36 37.48 23.05
CA PRO B 250 -6.79 38.26 24.18
C PRO B 250 -7.81 39.02 25.05
N ASP B 251 -9.02 39.28 24.50
CA ASP B 251 -10.11 39.98 25.16
C ASP B 251 -10.85 39.12 26.23
N GLY B 252 -10.53 37.83 26.32
CA GLY B 252 -11.09 36.92 27.32
C GLY B 252 -12.46 36.36 27.06
N LYS B 253 -13.08 36.75 25.94
CA LYS B 253 -14.42 36.36 25.50
C LYS B 253 -14.43 35.01 24.75
N LEU B 254 -15.01 33.98 25.37
CA LEU B 254 -15.11 32.66 24.79
C LEU B 254 -16.15 32.69 23.67
N LEU B 255 -15.68 32.51 22.42
CA LEU B 255 -16.55 32.51 21.23
C LEU B 255 -16.93 31.08 20.90
N HIS B 256 -18.12 30.90 20.40
CA HIS B 256 -18.61 29.57 20.08
C HIS B 256 -19.46 29.53 18.81
N SER B 257 -19.39 28.40 18.07
CA SER B 257 -20.30 28.07 16.96
C SER B 257 -20.77 26.62 17.11
N ASP B 258 -22.07 26.40 16.96
CA ASP B 258 -22.62 25.05 16.96
C ASP B 258 -22.19 24.38 15.65
N ALA B 259 -22.08 23.06 15.66
CA ALA B 259 -21.77 22.27 14.48
C ALA B 259 -22.92 22.39 13.47
N PHE B 260 -22.64 22.11 12.20
CA PHE B 260 -23.64 22.10 11.14
C PHE B 260 -23.63 20.65 10.64
N PRO B 261 -24.20 19.68 11.40
CA PRO B 261 -24.15 18.27 10.96
C PRO B 261 -24.86 18.01 9.65
N PRO B 262 -24.37 17.03 8.85
CA PRO B 262 -25.07 16.69 7.60
C PRO B 262 -26.34 15.84 7.87
N PRO B 263 -27.31 15.70 6.91
CA PRO B 263 -28.50 14.85 7.16
C PRO B 263 -28.16 13.41 7.58
N ARG B 264 -27.07 12.87 7.02
CA ARG B 264 -26.50 11.57 7.31
C ARG B 264 -24.99 11.74 7.24
N VAL B 265 -24.28 11.19 8.24
CA VAL B 265 -22.82 11.22 8.33
C VAL B 265 -22.24 10.08 7.49
N VAL B 266 -21.42 10.43 6.51
CA VAL B 266 -20.80 9.55 5.51
C VAL B 266 -19.28 9.36 5.77
N ASP B 267 -18.53 10.46 5.91
CA ASP B 267 -17.08 10.39 6.07
C ASP B 267 -16.51 11.55 6.87
N THR B 268 -16.07 11.29 8.11
CA THR B 268 -15.51 12.33 8.97
C THR B 268 -13.99 12.46 8.84
N LEU B 269 -13.36 11.58 8.07
CA LEU B 269 -11.90 11.59 7.94
C LEU B 269 -11.45 12.83 7.19
N GLY B 270 -10.69 13.68 7.89
CA GLY B 270 -10.19 14.91 7.32
C GLY B 270 -11.12 16.09 7.51
N ALA B 271 -12.18 15.90 8.35
CA ALA B 271 -13.12 16.97 8.72
C ALA B 271 -12.42 18.00 9.63
N GLY B 272 -11.50 17.53 10.47
CA GLY B 272 -10.68 18.38 11.34
C GLY B 272 -9.81 19.30 10.51
N ASP B 273 -9.21 18.74 9.44
CA ASP B 273 -8.36 19.49 8.51
C ASP B 273 -9.17 20.46 7.66
N THR B 274 -10.44 20.14 7.41
CA THR B 274 -11.35 20.98 6.66
C THR B 274 -11.69 22.20 7.51
N PHE B 275 -11.94 21.98 8.82
CA PHE B 275 -12.20 23.00 9.81
C PHE B 275 -11.03 23.98 9.85
N ASN B 276 -9.82 23.46 10.09
CA ASN B 276 -8.57 24.23 10.15
C ASN B 276 -8.35 25.10 8.93
N ALA B 277 -8.42 24.51 7.70
CA ALA B 277 -8.21 25.26 6.44
C ALA B 277 -9.27 26.33 6.20
N SER B 278 -10.53 26.06 6.58
CA SER B 278 -11.65 26.99 6.45
C SER B 278 -11.53 28.14 7.45
N VAL B 279 -11.08 27.87 8.68
CA VAL B 279 -10.82 28.93 9.65
C VAL B 279 -9.68 29.82 9.14
N ILE B 280 -8.54 29.22 8.73
CA ILE B 280 -7.39 29.94 8.16
C ILE B 280 -7.83 30.81 6.98
N PHE B 281 -8.54 30.20 6.00
CA PHE B 281 -9.01 30.87 4.81
C PHE B 281 -9.83 32.14 5.14
N SER B 282 -10.88 31.98 5.97
CA SER B 282 -11.77 33.04 6.44
C SER B 282 -10.99 34.17 7.16
N LEU B 283 -10.06 33.81 8.08
CA LEU B 283 -9.22 34.81 8.73
C LEU B 283 -8.31 35.54 7.73
N SER B 284 -7.70 34.81 6.77
CA SER B 284 -6.82 35.40 5.75
C SER B 284 -7.58 36.37 4.86
N GLN B 285 -8.91 36.21 4.74
CA GLN B 285 -9.82 37.06 3.95
C GLN B 285 -10.31 38.32 4.72
N GLY B 286 -9.76 38.57 5.90
CA GLY B 286 -10.14 39.69 6.75
C GLY B 286 -11.42 39.50 7.56
N ARG B 287 -11.98 38.28 7.63
CA ARG B 287 -13.17 38.04 8.44
C ARG B 287 -12.79 37.97 9.92
N SER B 288 -13.76 38.15 10.79
CA SER B 288 -13.57 38.12 12.24
C SER B 288 -13.45 36.68 12.76
N VAL B 289 -12.95 36.52 13.99
CA VAL B 289 -12.81 35.21 14.62
C VAL B 289 -14.17 34.46 14.73
N GLN B 290 -15.27 35.16 15.07
CA GLN B 290 -16.61 34.60 15.17
C GLN B 290 -17.07 34.12 13.79
N GLU B 291 -16.86 34.93 12.75
CA GLU B 291 -17.17 34.61 11.34
C GLU B 291 -16.35 33.36 10.87
N ALA B 292 -15.03 33.34 11.17
CA ALA B 292 -14.12 32.24 10.82
C ALA B 292 -14.50 30.90 11.47
N LEU B 293 -14.89 30.94 12.75
CA LEU B 293 -15.39 29.84 13.56
C LEU B 293 -16.63 29.25 12.90
N ARG B 294 -17.60 30.11 12.54
CA ARG B 294 -18.88 29.72 11.93
C ARG B 294 -18.64 29.03 10.59
N PHE B 295 -17.93 29.71 9.68
CA PHE B 295 -17.55 29.24 8.35
C PHE B 295 -16.82 27.85 8.41
N GLY B 296 -15.87 27.72 9.34
CA GLY B 296 -15.13 26.48 9.57
C GLY B 296 -16.03 25.32 9.95
N CYS B 297 -17.06 25.61 10.76
CA CYS B 297 -18.05 24.64 11.23
C CYS B 297 -18.98 24.25 10.08
N GLN B 298 -19.35 25.21 9.24
CA GLN B 298 -20.22 24.99 8.07
C GLN B 298 -19.54 24.10 7.04
N VAL B 299 -18.26 24.38 6.69
CA VAL B 299 -17.50 23.64 5.70
C VAL B 299 -17.17 22.23 6.21
N ALA B 300 -16.69 22.10 7.47
CA ALA B 300 -16.41 20.78 8.06
C ALA B 300 -17.68 19.90 8.17
N GLY B 301 -18.82 20.54 8.41
CA GLY B 301 -20.12 19.88 8.55
C GLY B 301 -20.60 19.32 7.22
N LYS B 302 -20.45 20.11 6.15
CA LYS B 302 -20.79 19.67 4.79
C LYS B 302 -19.91 18.48 4.39
N LYS B 303 -18.59 18.53 4.73
CA LYS B 303 -17.61 17.49 4.45
C LYS B 303 -17.99 16.12 5.04
N CYS B 304 -18.54 16.10 6.27
CA CYS B 304 -18.89 14.88 6.98
C CYS B 304 -19.99 14.05 6.27
N GLY B 305 -20.80 14.68 5.45
CA GLY B 305 -21.84 13.99 4.69
C GLY B 305 -21.46 13.65 3.26
N LEU B 306 -20.17 13.84 2.94
CA LEU B 306 -19.59 13.60 1.62
C LEU B 306 -18.44 12.64 1.76
N GLN B 307 -18.21 11.84 0.72
CA GLN B 307 -17.06 10.95 0.68
C GLN B 307 -15.93 11.77 0.02
N GLY B 308 -14.82 11.92 0.72
CA GLY B 308 -13.71 12.73 0.24
C GLY B 308 -13.96 14.22 0.30
N PHE B 309 -13.33 14.98 -0.59
CA PHE B 309 -13.41 16.44 -0.58
C PHE B 309 -14.22 17.06 -1.73
N ASP B 310 -14.74 16.25 -2.67
CA ASP B 310 -15.58 16.76 -3.75
C ASP B 310 -16.89 17.33 -3.23
N GLY B 311 -17.21 18.53 -3.68
CA GLY B 311 -18.44 19.23 -3.32
C GLY B 311 -18.50 19.82 -1.92
N ILE B 312 -17.34 20.06 -1.26
CA ILE B 312 -17.38 20.68 0.10
C ILE B 312 -17.73 22.19 0.03
N VAL B 313 -17.50 22.82 -1.14
CA VAL B 313 -17.81 24.22 -1.45
C VAL B 313 -18.93 24.21 -2.49
#